data_6IDX
#
_entry.id   6IDX
#
_cell.length_a   92.869
_cell.length_b   92.869
_cell.length_c   130.762
_cell.angle_alpha   90.000
_cell.angle_beta   90.000
_cell.angle_gamma   120.000
#
_symmetry.space_group_name_H-M   'P 31 2 1'
#
loop_
_entity.id
_entity.type
_entity.pdbx_description
1 polymer 'Engulfment and cell motility protein 2'
2 polymer 'Adhesion G protein-coupled receptor B1'
3 water water
#
loop_
_entity_poly.entity_id
_entity_poly.type
_entity_poly.pdbx_seq_one_letter_code
_entity_poly.pdbx_strand_id
1 'polypeptide(L)'
;GPGSMPPPSDIVKVAIEWPGANAQLLEIDQKRPLASIIKEVCDGWSLPNPEYYTLRYADGPQLYITEQTRSDIKNGTILQ
LAISPSRAARQLMERTQSSNMETRLDAMKELAKLSADVTFATEFINMDGIIVLTRLVESGTKLLSHYSEMLAFTLTAFLE
LMDHGIVSWDMVSITFIKQIAGYVSQPMVDVSILQRSLAILESMVLNSQSLYQKIAEEITVGQLISHLQVSNQEIQTYAI
ALINALFLKAPEDKRQDMANAFAQKHLRSIILNHVIRGNRPIKTEMAHQLYVLQVLTFNLLEERMMTKMDPNDQAQRDII
FELRRIAFDAESDPSNAPGSGTEKRKAMYTKDYKMLGFTNHINPAMDFTQTPPGMLALDNMLYLAKVHQDTYIRIVLENS
SREDKHECPFGRSAIELTKMLCEILQVGELPNEGRNDYHPMFFTHDRAFEELFGICIQLLNKTWKEMRATAEDFNKVMQV
VREQITRALPSKPNSLDQFKSKLRSLSYSEILRLRQSERMSQDD
;
A
2 'polypeptide(L)' RKSRYAELDFEKIMHTRKRHQDMFQ C
#
# COMPACT_ATOMS: atom_id res chain seq x y z
N SER A 9 9.61 -31.14 39.81
CA SER A 9 9.91 -29.73 40.06
C SER A 9 9.30 -28.80 39.02
N ASP A 10 9.44 -29.14 37.74
CA ASP A 10 8.87 -28.35 36.66
C ASP A 10 7.62 -29.03 36.09
N ILE A 11 6.46 -28.64 36.61
CA ILE A 11 5.21 -29.36 36.35
C ILE A 11 4.19 -28.48 35.63
N VAL A 12 3.35 -29.11 34.81
CA VAL A 12 2.21 -28.40 34.25
C VAL A 12 1.00 -29.34 34.28
N LYS A 13 -0.10 -28.83 34.82
CA LYS A 13 -1.33 -29.60 34.98
C LYS A 13 -2.20 -29.45 33.73
N VAL A 14 -2.52 -30.57 33.10
CA VAL A 14 -3.33 -30.53 31.89
C VAL A 14 -4.38 -31.62 31.91
N ALA A 15 -5.41 -31.43 31.11
CA ALA A 15 -6.32 -32.52 30.82
C ALA A 15 -6.10 -32.93 29.36
N ILE A 16 -6.03 -34.23 29.10
CA ILE A 16 -5.87 -34.70 27.73
C ILE A 16 -7.13 -35.46 27.30
N GLU A 17 -7.68 -35.06 26.17
CA GLU A 17 -8.98 -35.57 25.72
C GLU A 17 -8.87 -36.36 24.43
N TRP A 18 -9.86 -37.23 24.24
CA TRP A 18 -9.91 -38.14 23.08
C TRP A 18 -11.36 -38.42 22.85
N PRO A 19 -11.83 -38.31 21.59
CA PRO A 19 -13.27 -38.54 21.36
C PRO A 19 -13.70 -39.92 21.84
N GLY A 20 -14.82 -39.98 22.58
CA GLY A 20 -15.34 -41.23 23.09
C GLY A 20 -14.79 -41.63 24.45
N ALA A 21 -13.81 -40.87 24.95
CA ALA A 21 -13.16 -41.21 26.20
C ALA A 21 -13.36 -40.10 27.23
N ASN A 22 -13.08 -40.42 28.48
CA ASN A 22 -12.99 -39.40 29.52
C ASN A 22 -11.55 -38.89 29.62
N ALA A 23 -11.40 -37.59 29.85
CA ALA A 23 -10.08 -36.95 29.93
C ALA A 23 -9.18 -37.62 30.95
N GLN A 24 -7.89 -37.66 30.63
CA GLN A 24 -6.90 -38.02 31.62
C GLN A 24 -6.33 -36.72 32.18
N LEU A 25 -6.18 -36.65 33.50
CA LEU A 25 -5.59 -35.50 34.14
C LEU A 25 -4.17 -35.83 34.49
N LEU A 26 -3.23 -35.10 33.91
CA LEU A 26 -1.81 -35.39 34.07
C LEU A 26 -1.09 -34.21 34.69
N GLU A 27 -0.10 -34.52 35.53
CA GLU A 27 0.85 -33.50 35.94
C GLU A 27 2.11 -33.77 35.12
N ILE A 28 2.26 -33.02 34.05
CA ILE A 28 3.32 -33.28 33.11
C ILE A 28 4.67 -32.72 33.61
N ASP A 29 5.58 -33.65 33.89
CA ASP A 29 6.97 -33.30 34.17
C ASP A 29 7.59 -32.82 32.87
N GLN A 30 7.96 -31.55 32.82
CA GLN A 30 8.48 -30.99 31.57
C GLN A 30 9.87 -31.54 31.21
N LYS A 31 10.45 -32.36 32.09
CA LYS A 31 11.67 -33.07 31.78
C LYS A 31 11.39 -34.38 31.03
N ARG A 32 10.16 -34.89 31.12
CA ARG A 32 9.79 -36.14 30.45
C ARG A 32 9.61 -35.90 28.95
N PRO A 33 10.18 -36.77 28.12
CA PRO A 33 9.91 -36.67 26.67
C PRO A 33 8.41 -36.75 26.37
N LEU A 34 7.97 -36.01 25.36
CA LEU A 34 6.55 -36.08 24.97
C LEU A 34 6.16 -37.50 24.61
N ALA A 35 7.08 -38.25 24.00
CA ALA A 35 6.80 -39.63 23.62
C ALA A 35 6.40 -40.48 24.83
N SER A 36 7.02 -40.22 25.97
CA SER A 36 6.70 -40.98 27.19
C SER A 36 5.30 -40.65 27.71
N ILE A 37 4.98 -39.36 27.64
CA ILE A 37 3.68 -38.85 28.04
C ILE A 37 2.60 -39.47 27.16
N ILE A 38 2.84 -39.43 25.86
CA ILE A 38 1.87 -39.95 24.89
C ILE A 38 1.69 -41.46 25.07
N LYS A 39 2.76 -42.20 25.36
CA LYS A 39 2.59 -43.63 25.60
C LYS A 39 1.73 -43.88 26.83
N GLU A 40 1.91 -43.04 27.85
CA GLU A 40 1.11 -43.16 29.06
C GLU A 40 -0.36 -42.98 28.74
N VAL A 41 -0.63 -41.94 27.97
CA VAL A 41 -1.99 -41.56 27.64
C VAL A 41 -2.66 -42.64 26.80
N CYS A 42 -1.95 -43.10 25.77
CA CYS A 42 -2.45 -44.19 24.94
C CYS A 42 -2.74 -45.47 25.74
N ASP A 43 -1.82 -45.83 26.64
CA ASP A 43 -2.02 -47.00 27.49
C ASP A 43 -3.29 -46.82 28.33
N GLY A 44 -3.52 -45.60 28.82
CA GLY A 44 -4.69 -45.29 29.62
C GLY A 44 -6.00 -45.56 28.89
N TRP A 45 -5.98 -45.38 27.58
CA TRP A 45 -7.16 -45.61 26.74
C TRP A 45 -7.05 -46.86 25.88
N SER A 46 -6.11 -47.74 26.21
CA SER A 46 -5.91 -49.01 25.49
C SER A 46 -5.71 -48.79 23.99
N LEU A 47 -4.99 -47.72 23.63
CA LEU A 47 -4.66 -47.47 22.23
C LEU A 47 -3.26 -47.98 21.90
N PRO A 48 -3.16 -48.92 20.94
CA PRO A 48 -1.82 -49.39 20.55
C PRO A 48 -1.10 -48.33 19.69
N ASN A 49 0.20 -48.54 19.48
CA ASN A 49 1.01 -47.69 18.60
C ASN A 49 1.04 -46.19 18.99
N PRO A 50 1.51 -45.90 20.22
CA PRO A 50 1.55 -44.49 20.66
C PRO A 50 2.40 -43.61 19.74
N GLU A 51 3.38 -44.19 19.06
CA GLU A 51 4.20 -43.43 18.12
C GLU A 51 3.40 -42.87 16.95
N TYR A 52 2.15 -43.33 16.77
CA TYR A 52 1.24 -42.81 15.74
C TYR A 52 0.54 -41.50 16.15
N TYR A 53 0.75 -41.10 17.42
CA TYR A 53 0.00 -39.98 17.96
C TYR A 53 0.87 -38.86 18.48
N THR A 54 0.24 -37.71 18.67
CA THR A 54 0.90 -36.55 19.23
C THR A 54 -0.13 -35.78 20.06
N LEU A 55 0.31 -34.74 20.75
CA LEU A 55 -0.63 -33.90 21.47
C LEU A 55 -0.86 -32.61 20.69
N ARG A 56 -2.04 -32.01 20.80
CA ARG A 56 -2.29 -30.71 20.23
C ARG A 56 -3.18 -29.93 21.20
N TYR A 57 -3.20 -28.61 21.09
CA TYR A 57 -4.12 -27.81 21.90
C TYR A 57 -5.55 -28.17 21.50
N ALA A 58 -6.46 -28.26 22.48
CA ALA A 58 -7.88 -28.44 22.19
C ALA A 58 -8.52 -27.14 21.69
N ASP A 59 -8.07 -26.02 22.22
CA ASP A 59 -8.66 -24.71 21.92
C ASP A 59 -7.91 -23.95 20.84
N GLY A 60 -8.47 -22.81 20.43
CA GLY A 60 -7.82 -21.92 19.49
C GLY A 60 -7.55 -22.61 18.17
N PRO A 61 -6.41 -22.31 17.55
CA PRO A 61 -6.01 -22.96 16.30
C PRO A 61 -5.50 -24.39 16.48
N GLN A 62 -5.59 -24.93 17.69
CA GLN A 62 -5.33 -26.37 17.93
C GLN A 62 -3.96 -26.84 17.43
N LEU A 63 -2.92 -26.07 17.71
CA LEU A 63 -1.60 -26.38 17.20
C LEU A 63 -1.03 -27.67 17.79
N TYR A 64 -0.21 -28.34 16.99
CA TYR A 64 0.55 -29.48 17.50
C TYR A 64 1.59 -29.06 18.56
N ILE A 65 1.66 -29.84 19.63
CA ILE A 65 2.66 -29.63 20.67
C ILE A 65 4.00 -30.26 20.30
N THR A 66 5.06 -29.46 20.30
CA THR A 66 6.41 -30.00 20.13
C THR A 66 7.24 -29.79 21.38
N GLU A 67 8.44 -30.36 21.39
CA GLU A 67 9.33 -30.22 22.54
C GLU A 67 9.66 -28.76 22.77
N GLN A 68 9.45 -27.92 21.76
CA GLN A 68 9.53 -26.48 21.91
C GLN A 68 8.28 -25.89 22.59
N THR A 69 7.15 -25.96 21.91
CA THR A 69 5.96 -25.25 22.32
C THR A 69 5.31 -25.79 23.60
N ARG A 70 5.72 -26.98 24.02
CA ARG A 70 5.21 -27.52 25.29
C ARG A 70 5.49 -26.57 26.45
N SER A 71 6.57 -25.79 26.31
CA SER A 71 6.95 -24.84 27.33
C SER A 71 5.91 -23.74 27.53
N ASP A 72 5.06 -23.52 26.54
CA ASP A 72 4.07 -22.45 26.58
C ASP A 72 2.75 -22.90 27.20
N ILE A 73 2.59 -24.20 27.41
CA ILE A 73 1.38 -24.75 27.99
C ILE A 73 1.12 -24.24 29.41
N LYS A 74 -0.04 -23.62 29.61
CA LYS A 74 -0.43 -23.09 30.91
C LYS A 74 -1.19 -24.12 31.74
N ASN A 75 -1.09 -24.03 33.06
CA ASN A 75 -1.83 -24.93 33.95
C ASN A 75 -3.34 -24.91 33.65
N GLY A 76 -3.95 -26.10 33.63
CA GLY A 76 -5.36 -26.22 33.33
C GLY A 76 -5.71 -26.30 31.84
N THR A 77 -4.70 -26.27 30.98
CA THR A 77 -4.94 -26.35 29.55
C THR A 77 -5.58 -27.70 29.20
N ILE A 78 -6.51 -27.68 28.25
CA ILE A 78 -7.06 -28.93 27.72
C ILE A 78 -6.35 -29.22 26.42
N LEU A 79 -5.74 -30.40 26.34
CA LEU A 79 -5.06 -30.86 25.13
C LEU A 79 -5.84 -32.00 24.53
N GLN A 80 -5.56 -32.30 23.27
CA GLN A 80 -6.17 -33.46 22.67
C GLN A 80 -5.10 -34.39 22.16
N LEU A 81 -5.33 -35.69 22.33
CA LEU A 81 -4.54 -36.67 21.62
C LEU A 81 -4.97 -36.64 20.14
N ALA A 82 -4.00 -36.68 19.23
CA ALA A 82 -4.33 -36.59 17.80
C ALA A 82 -3.37 -37.44 16.98
N ILE A 83 -3.79 -37.76 15.76
CA ILE A 83 -2.87 -38.35 14.78
C ILE A 83 -1.63 -37.46 14.61
N SER A 84 -0.45 -38.05 14.54
CA SER A 84 0.79 -37.28 14.46
C SER A 84 0.81 -36.46 13.16
N PRO A 85 1.58 -35.37 13.14
CA PRO A 85 1.61 -34.52 11.94
C PRO A 85 2.14 -35.32 10.73
N SER A 86 3.12 -36.17 10.96
CA SER A 86 3.70 -36.97 9.88
C SER A 86 2.66 -37.93 9.31
N ARG A 87 1.92 -38.63 10.18
CA ARG A 87 0.91 -39.53 9.66
C ARG A 87 -0.24 -38.77 9.01
N ALA A 88 -0.62 -37.63 9.59
CA ALA A 88 -1.67 -36.84 9.00
C ALA A 88 -1.28 -36.34 7.61
N ALA A 89 -0.02 -35.93 7.45
CA ALA A 89 0.45 -35.43 6.17
C ALA A 89 0.44 -36.55 5.13
N ARG A 90 0.88 -37.75 5.52
CA ARG A 90 0.88 -38.90 4.58
C ARG A 90 -0.55 -39.26 4.20
N GLN A 91 -1.46 -39.29 5.18
CA GLN A 91 -2.85 -39.60 4.88
C GLN A 91 -3.43 -38.57 3.90
N LEU A 92 -3.13 -37.29 4.09
CA LEU A 92 -3.68 -36.26 3.21
C LEU A 92 -3.00 -36.27 1.83
N MET A 93 -1.73 -36.68 1.76
CA MET A 93 -1.09 -36.88 0.44
C MET A 93 -1.91 -37.88 -0.36
N GLU A 94 -2.34 -38.94 0.29
CA GLU A 94 -3.18 -39.93 -0.39
C GLU A 94 -4.56 -39.38 -0.73
N ARG A 95 -5.24 -38.81 0.26
CA ARG A 95 -6.66 -38.50 0.13
C ARG A 95 -6.96 -37.27 -0.73
N THR A 96 -6.06 -36.29 -0.74
CA THR A 96 -6.25 -35.12 -1.58
C THR A 96 -6.10 -35.51 -3.07
N GLN A 97 -5.66 -36.73 -3.34
CA GLN A 97 -5.52 -37.19 -4.72
C GLN A 97 -6.47 -38.31 -5.05
N SER A 98 -7.43 -38.53 -4.16
CA SER A 98 -8.43 -39.58 -4.38
C SER A 98 -9.25 -39.35 -5.65
N SER A 99 -9.66 -40.44 -6.27
CA SER A 99 -10.57 -40.35 -7.41
C SER A 99 -12.02 -40.17 -6.93
N ASN A 100 -12.22 -40.36 -5.63
CA ASN A 100 -13.51 -40.15 -5.00
C ASN A 100 -13.60 -38.68 -4.68
N MET A 101 -14.53 -37.95 -5.30
CA MET A 101 -14.51 -36.50 -5.18
C MET A 101 -14.92 -36.04 -3.79
N GLU A 102 -15.71 -36.83 -3.08
CA GLU A 102 -16.03 -36.45 -1.71
C GLU A 102 -14.83 -36.64 -0.79
N THR A 103 -14.09 -37.72 -1.01
CA THR A 103 -12.85 -37.96 -0.27
C THR A 103 -11.89 -36.81 -0.51
N ARG A 104 -11.75 -36.40 -1.77
CA ARG A 104 -10.85 -35.31 -2.13
C ARG A 104 -11.27 -33.98 -1.47
N LEU A 105 -12.56 -33.69 -1.53
CA LEU A 105 -13.07 -32.47 -0.92
C LEU A 105 -12.81 -32.45 0.57
N ASP A 106 -13.13 -33.55 1.25
CA ASP A 106 -12.93 -33.67 2.72
C ASP A 106 -11.46 -33.51 3.06
N ALA A 107 -10.61 -34.13 2.25
CA ALA A 107 -9.16 -34.03 2.48
C ALA A 107 -8.63 -32.60 2.32
N MET A 108 -9.11 -31.91 1.29
CA MET A 108 -8.67 -30.54 1.05
C MET A 108 -9.12 -29.61 2.18
N LYS A 109 -10.33 -29.84 2.69
CA LYS A 109 -10.83 -29.09 3.86
C LYS A 109 -9.90 -29.27 5.05
N GLU A 110 -9.54 -30.52 5.33
CA GLU A 110 -8.64 -30.79 6.46
C GLU A 110 -7.26 -30.23 6.19
N LEU A 111 -6.79 -30.32 4.95
CA LEU A 111 -5.48 -29.76 4.61
C LEU A 111 -5.45 -28.23 4.82
N ALA A 112 -6.53 -27.54 4.45
CA ALA A 112 -6.60 -26.11 4.63
C ALA A 112 -6.53 -25.79 6.13
N LYS A 113 -7.13 -26.63 6.96
CA LYS A 113 -7.04 -26.38 8.41
C LYS A 113 -5.63 -26.61 8.94
N LEU A 114 -5.03 -27.74 8.56
CA LEU A 114 -3.77 -28.15 9.18
C LEU A 114 -2.57 -27.38 8.64
N SER A 115 -2.71 -26.80 7.45
CA SER A 115 -1.55 -26.18 6.80
C SER A 115 -1.09 -24.90 7.48
N ALA A 116 -1.93 -24.32 8.33
CA ALA A 116 -1.50 -23.15 9.08
C ALA A 116 -0.49 -23.49 10.20
N ASP A 117 -0.41 -24.78 10.56
CA ASP A 117 0.45 -25.28 11.62
C ASP A 117 1.79 -25.66 11.01
N VAL A 118 2.88 -24.98 11.38
CA VAL A 118 4.17 -25.21 10.72
C VAL A 118 4.68 -26.66 10.93
N THR A 119 4.28 -27.26 12.05
CA THR A 119 4.67 -28.63 12.36
C THR A 119 4.08 -29.60 11.31
N PHE A 120 2.82 -29.39 10.99
CA PHE A 120 2.21 -30.16 9.91
C PHE A 120 2.77 -29.74 8.55
N ALA A 121 2.84 -28.44 8.31
CA ALA A 121 3.22 -27.95 6.98
C ALA A 121 4.57 -28.47 6.52
N THR A 122 5.54 -28.57 7.44
CA THR A 122 6.83 -29.05 7.03
C THR A 122 6.77 -30.50 6.55
N GLU A 123 5.97 -31.31 7.24
CA GLU A 123 5.83 -32.71 6.83
C GLU A 123 5.26 -32.79 5.43
N PHE A 124 4.19 -32.05 5.22
CA PHE A 124 3.48 -32.10 3.93
C PHE A 124 4.37 -31.54 2.81
N ILE A 125 5.02 -30.41 3.08
CA ILE A 125 5.89 -29.81 2.07
C ILE A 125 7.03 -30.74 1.66
N ASN A 126 7.55 -31.52 2.61
CA ASN A 126 8.69 -32.39 2.37
C ASN A 126 8.35 -33.61 1.52
N MET A 127 7.05 -33.81 1.27
CA MET A 127 6.61 -34.83 0.32
C MET A 127 6.12 -34.20 -0.99
N ASP A 128 6.59 -32.98 -1.29
CA ASP A 128 6.15 -32.23 -2.47
C ASP A 128 4.65 -32.01 -2.45
N GLY A 129 4.09 -31.88 -1.26
CA GLY A 129 2.67 -31.60 -1.10
C GLY A 129 2.19 -30.35 -1.82
N ILE A 130 3.05 -29.34 -1.96
CA ILE A 130 2.65 -28.12 -2.62
C ILE A 130 2.40 -28.43 -4.10
N ILE A 131 3.16 -29.37 -4.65
CA ILE A 131 3.00 -29.74 -6.07
C ILE A 131 1.69 -30.47 -6.31
N VAL A 132 1.22 -31.23 -5.33
CA VAL A 132 -0.12 -31.80 -5.44
C VAL A 132 -1.12 -30.67 -5.69
N LEU A 133 -0.97 -29.56 -4.96
CA LEU A 133 -1.93 -28.47 -5.10
C LEU A 133 -1.76 -27.71 -6.41
N THR A 134 -0.51 -27.42 -6.78
CA THR A 134 -0.31 -26.65 -8.02
C THR A 134 -0.68 -27.51 -9.23
N ARG A 135 -0.39 -28.82 -9.21
CA ARG A 135 -0.77 -29.67 -10.33
C ARG A 135 -2.30 -29.70 -10.48
N LEU A 136 -3.00 -29.71 -9.35
CA LEU A 136 -4.47 -29.72 -9.40
C LEU A 136 -5.02 -28.45 -10.04
N VAL A 137 -4.50 -27.31 -9.63
CA VAL A 137 -4.89 -26.05 -10.26
C VAL A 137 -4.49 -25.98 -11.74
N GLU A 138 -3.31 -26.50 -12.06
CA GLU A 138 -2.84 -26.45 -13.44
C GLU A 138 -3.71 -27.26 -14.39
N SER A 139 -4.21 -28.39 -13.91
CA SER A 139 -4.75 -29.36 -14.86
C SER A 139 -6.07 -30.00 -14.45
N GLY A 140 -6.54 -29.69 -13.24
CA GLY A 140 -7.83 -30.20 -12.79
C GLY A 140 -8.97 -29.71 -13.68
N THR A 141 -9.99 -30.53 -13.85
CA THR A 141 -11.13 -30.14 -14.70
C THR A 141 -12.32 -29.63 -13.88
N LYS A 142 -13.11 -28.76 -14.52
CA LYS A 142 -14.37 -28.24 -13.94
C LYS A 142 -14.19 -27.59 -12.56
N LEU A 143 -13.04 -27.01 -12.32
CA LEU A 143 -12.74 -26.53 -10.97
C LEU A 143 -13.62 -25.37 -10.57
N LEU A 144 -13.92 -24.47 -11.48
CA LEU A 144 -14.72 -23.31 -11.10
C LEU A 144 -16.21 -23.68 -11.03
N SER A 145 -16.61 -24.64 -11.87
CA SER A 145 -18.03 -24.95 -12.02
C SER A 145 -18.48 -26.02 -11.02
N HIS A 146 -17.82 -27.18 -11.05
CA HIS A 146 -18.21 -28.29 -10.19
C HIS A 146 -17.48 -28.36 -8.85
N TYR A 147 -16.28 -27.80 -8.78
CA TYR A 147 -15.45 -28.06 -7.60
C TYR A 147 -14.90 -26.77 -6.97
N SER A 148 -15.70 -25.71 -7.00
CA SER A 148 -15.26 -24.40 -6.55
C SER A 148 -14.97 -24.38 -5.06
N GLU A 149 -15.71 -25.17 -4.30
CA GLU A 149 -15.45 -25.25 -2.88
C GLU A 149 -14.10 -25.96 -2.64
N MET A 150 -13.91 -27.06 -3.36
CA MET A 150 -12.63 -27.77 -3.23
C MET A 150 -11.49 -26.83 -3.64
N LEU A 151 -11.68 -26.09 -4.72
CA LEU A 151 -10.64 -25.19 -5.23
C LEU A 151 -10.32 -24.10 -4.21
N ALA A 152 -11.33 -23.61 -3.49
CA ALA A 152 -11.08 -22.57 -2.49
C ALA A 152 -10.22 -23.12 -1.37
N PHE A 153 -10.55 -24.33 -0.90
CA PHE A 153 -9.74 -24.99 0.12
C PHE A 153 -8.32 -25.23 -0.40
N THR A 154 -8.22 -25.62 -1.68
CA THR A 154 -6.91 -25.88 -2.29
C THR A 154 -6.03 -24.62 -2.25
N LEU A 155 -6.62 -23.50 -2.64
CA LEU A 155 -5.89 -22.24 -2.65
C LEU A 155 -5.57 -21.74 -1.24
N THR A 156 -6.48 -21.96 -0.29
CA THR A 156 -6.20 -21.68 1.12
C THR A 156 -5.00 -22.45 1.60
N ALA A 157 -5.02 -23.77 1.37
CA ALA A 157 -3.91 -24.61 1.81
C ALA A 157 -2.59 -24.16 1.15
N PHE A 158 -2.66 -23.86 -0.14
CA PHE A 158 -1.48 -23.44 -0.88
C PHE A 158 -0.87 -22.18 -0.25
N LEU A 159 -1.69 -21.16 -0.03
CA LEU A 159 -1.18 -19.91 0.53
C LEU A 159 -0.68 -20.13 1.96
N GLU A 160 -1.40 -20.92 2.76
CA GLU A 160 -0.93 -21.20 4.12
C GLU A 160 0.43 -21.91 4.11
N LEU A 161 0.60 -22.86 3.20
CA LEU A 161 1.86 -23.60 3.14
C LEU A 161 2.99 -22.66 2.75
N MET A 162 2.74 -21.82 1.75
CA MET A 162 3.78 -20.91 1.22
C MET A 162 4.14 -19.87 2.27
N ASP A 163 3.19 -19.52 3.14
CA ASP A 163 3.43 -18.46 4.13
C ASP A 163 4.43 -18.89 5.22
N HIS A 164 4.79 -20.18 5.27
CA HIS A 164 5.77 -20.59 6.27
C HIS A 164 7.22 -20.26 5.87
N GLY A 165 7.42 -19.80 4.63
CA GLY A 165 8.73 -19.45 4.13
C GLY A 165 9.74 -20.58 3.95
N ILE A 166 9.28 -21.81 3.76
CA ILE A 166 10.16 -22.95 3.64
C ILE A 166 10.66 -23.09 2.22
N VAL A 167 9.83 -22.69 1.25
CA VAL A 167 10.22 -22.84 -0.15
C VAL A 167 10.03 -21.51 -0.89
N SER A 168 10.79 -21.36 -1.97
CA SER A 168 10.80 -20.12 -2.74
C SER A 168 9.57 -20.01 -3.61
N TRP A 169 9.04 -18.79 -3.74
CA TRP A 169 7.95 -18.54 -4.65
C TRP A 169 8.36 -18.82 -6.11
N ASP A 170 9.65 -18.81 -6.39
CA ASP A 170 10.04 -19.01 -7.79
C ASP A 170 9.88 -20.46 -8.24
N MET A 171 9.42 -21.33 -7.34
CA MET A 171 9.14 -22.73 -7.70
C MET A 171 7.91 -22.90 -8.60
N VAL A 172 7.02 -21.91 -8.59
CA VAL A 172 5.75 -21.97 -9.33
C VAL A 172 5.89 -21.97 -10.85
N SER A 173 5.10 -22.81 -11.53
CA SER A 173 5.16 -22.89 -13.00
C SER A 173 4.45 -21.74 -13.68
N ILE A 174 4.84 -21.46 -14.93
CA ILE A 174 4.15 -20.44 -15.70
C ILE A 174 2.68 -20.84 -15.90
N THR A 175 2.43 -22.15 -15.94
CA THR A 175 1.09 -22.67 -16.09
C THR A 175 0.24 -22.33 -14.85
N PHE A 176 0.82 -22.52 -13.68
CA PHE A 176 0.10 -22.22 -12.43
C PHE A 176 -0.18 -20.72 -12.34
N ILE A 177 0.83 -19.91 -12.64
CA ILE A 177 0.69 -18.46 -12.64
C ILE A 177 -0.46 -18.05 -13.54
N LYS A 178 -0.45 -18.57 -14.77
CA LYS A 178 -1.45 -18.22 -15.76
C LYS A 178 -2.84 -18.62 -15.31
N GLN A 179 -2.97 -19.76 -14.64
CA GLN A 179 -4.27 -20.20 -14.15
C GLN A 179 -4.81 -19.27 -13.06
N ILE A 180 -3.96 -18.90 -12.10
CA ILE A 180 -4.38 -17.98 -11.04
C ILE A 180 -4.76 -16.63 -11.66
N ALA A 181 -3.93 -16.13 -12.57
CA ALA A 181 -4.22 -14.86 -13.23
C ALA A 181 -5.54 -14.97 -14.00
N GLY A 182 -5.80 -16.15 -14.57
CA GLY A 182 -7.03 -16.41 -15.29
C GLY A 182 -8.27 -16.25 -14.42
N TYR A 183 -8.16 -16.66 -13.16
CA TYR A 183 -9.26 -16.51 -12.21
C TYR A 183 -9.55 -15.03 -11.88
N VAL A 184 -8.52 -14.19 -12.01
CA VAL A 184 -8.65 -12.75 -11.74
C VAL A 184 -9.12 -11.98 -12.97
N SER A 185 -8.72 -12.47 -14.14
CA SER A 185 -8.92 -11.72 -15.37
C SER A 185 -10.27 -12.04 -15.97
N GLN A 186 -10.96 -13.00 -15.37
CA GLN A 186 -12.25 -13.45 -15.87
C GLN A 186 -13.39 -12.63 -15.30
N PRO A 187 -14.46 -12.45 -16.09
CA PRO A 187 -15.72 -11.89 -15.61
C PRO A 187 -16.10 -12.59 -14.30
N MET A 188 -15.98 -11.83 -13.21
CA MET A 188 -15.78 -12.35 -11.86
C MET A 188 -16.44 -13.70 -11.54
N VAL A 189 -15.64 -14.54 -10.90
CA VAL A 189 -16.04 -15.87 -10.51
C VAL A 189 -16.46 -15.81 -9.03
N ASP A 190 -16.58 -16.96 -8.39
CA ASP A 190 -16.70 -17.12 -6.96
C ASP A 190 -15.86 -16.12 -6.15
N VAL A 191 -16.44 -15.51 -5.11
CA VAL A 191 -15.75 -14.52 -4.28
C VAL A 191 -14.57 -15.16 -3.53
N SER A 192 -14.75 -16.38 -3.03
CA SER A 192 -13.68 -17.03 -2.27
C SER A 192 -12.49 -17.32 -3.17
N ILE A 193 -12.75 -17.75 -4.39
CA ILE A 193 -11.68 -18.02 -5.33
C ILE A 193 -10.97 -16.74 -5.73
N LEU A 194 -11.75 -15.69 -6.00
CA LEU A 194 -11.14 -14.42 -6.41
C LEU A 194 -10.27 -13.85 -5.29
N GLN A 195 -10.76 -13.92 -4.05
CA GLN A 195 -10.02 -13.38 -2.91
C GLN A 195 -8.66 -14.07 -2.79
N ARG A 196 -8.67 -15.40 -2.85
CA ARG A 196 -7.43 -16.14 -2.73
C ARG A 196 -6.54 -15.96 -3.94
N SER A 197 -7.15 -15.82 -5.13
CA SER A 197 -6.36 -15.63 -6.35
C SER A 197 -5.64 -14.29 -6.32
N LEU A 198 -6.34 -13.23 -5.92
CA LEU A 198 -5.69 -11.94 -5.79
C LEU A 198 -4.57 -12.03 -4.76
N ALA A 199 -4.83 -12.72 -3.66
CA ALA A 199 -3.85 -12.86 -2.59
C ALA A 199 -2.61 -13.59 -3.08
N ILE A 200 -2.78 -14.69 -3.79
CA ILE A 200 -1.64 -15.39 -4.36
C ILE A 200 -0.85 -14.50 -5.34
N LEU A 201 -1.52 -13.76 -6.22
CA LEU A 201 -0.79 -12.91 -7.15
C LEU A 201 0.00 -11.84 -6.42
N GLU A 202 -0.62 -11.25 -5.38
CA GLU A 202 0.10 -10.24 -4.59
C GLU A 202 1.40 -10.83 -4.00
N SER A 203 1.27 -12.00 -3.38
CA SER A 203 2.44 -12.63 -2.76
C SER A 203 3.52 -12.97 -3.80
N MET A 204 3.11 -13.44 -4.97
CA MET A 204 4.05 -13.73 -6.03
C MET A 204 4.81 -12.50 -6.47
N VAL A 205 4.05 -11.41 -6.69
CA VAL A 205 4.66 -10.16 -7.14
C VAL A 205 5.68 -9.63 -6.12
N LEU A 206 5.27 -9.60 -4.86
CA LEU A 206 6.12 -9.07 -3.79
C LEU A 206 7.38 -9.89 -3.60
N ASN A 207 7.29 -11.19 -3.89
CA ASN A 207 8.42 -12.06 -3.60
C ASN A 207 9.38 -12.36 -4.73
N SER A 208 9.07 -11.90 -5.93
CA SER A 208 9.92 -12.22 -7.07
C SER A 208 9.76 -11.25 -8.25
N GLN A 209 10.87 -10.70 -8.70
CA GLN A 209 10.85 -9.82 -9.87
C GLN A 209 10.42 -10.59 -11.13
N SER A 210 10.84 -11.84 -11.22
CA SER A 210 10.47 -12.69 -12.35
C SER A 210 8.96 -12.91 -12.42
N LEU A 211 8.35 -13.19 -11.26
CA LEU A 211 6.92 -13.44 -11.21
C LEU A 211 6.15 -12.16 -11.50
N TYR A 212 6.68 -11.03 -11.01
CA TYR A 212 6.10 -9.73 -11.32
C TYR A 212 5.98 -9.54 -12.83
N GLN A 213 7.06 -9.81 -13.56
CA GLN A 213 7.08 -9.59 -15.01
C GLN A 213 6.01 -10.42 -15.70
N LYS A 214 5.92 -11.71 -15.33
CA LYS A 214 4.94 -12.60 -15.94
C LYS A 214 3.50 -12.21 -15.59
N ILE A 215 3.28 -11.77 -14.35
CA ILE A 215 1.95 -11.41 -13.90
C ILE A 215 1.47 -10.11 -14.52
N ALA A 216 2.38 -9.15 -14.65
CA ALA A 216 2.06 -7.87 -15.25
C ALA A 216 1.51 -8.05 -16.67
N GLU A 217 1.96 -9.10 -17.35
CA GLU A 217 1.51 -9.39 -18.71
C GLU A 217 0.18 -10.13 -18.78
N GLU A 218 -0.24 -10.74 -17.68
CA GLU A 218 -1.41 -11.61 -17.70
C GLU A 218 -2.69 -10.94 -17.20
N ILE A 219 -2.53 -9.77 -16.59
CA ILE A 219 -3.70 -9.09 -16.05
C ILE A 219 -3.75 -7.64 -16.55
N THR A 220 -4.94 -7.20 -16.94
CA THR A 220 -5.09 -5.83 -17.42
C THR A 220 -5.45 -4.87 -16.30
N VAL A 221 -5.16 -3.60 -16.54
CA VAL A 221 -5.56 -2.52 -15.66
C VAL A 221 -7.08 -2.56 -15.42
N GLY A 222 -7.83 -2.63 -16.52
CA GLY A 222 -9.27 -2.69 -16.45
C GLY A 222 -9.84 -3.82 -15.61
N GLN A 223 -9.27 -5.01 -15.73
CA GLN A 223 -9.73 -6.17 -14.96
C GLN A 223 -9.52 -5.96 -13.47
N LEU A 224 -8.35 -5.43 -13.13
CA LEU A 224 -8.01 -5.18 -11.73
C LEU A 224 -8.94 -4.12 -11.13
N ILE A 225 -9.12 -3.03 -11.86
CA ILE A 225 -9.97 -1.96 -11.40
C ILE A 225 -11.44 -2.39 -11.24
N SER A 226 -11.90 -3.29 -12.10
CA SER A 226 -13.28 -3.78 -12.00
C SER A 226 -13.54 -4.48 -10.66
N HIS A 227 -12.52 -5.12 -10.11
CA HIS A 227 -12.70 -5.80 -8.83
C HIS A 227 -12.91 -4.82 -7.68
N LEU A 228 -12.56 -3.56 -7.90
CA LEU A 228 -12.79 -2.55 -6.86
C LEU A 228 -14.27 -2.23 -6.76
N GLN A 229 -15.02 -2.63 -7.78
CA GLN A 229 -16.44 -2.25 -7.85
C GLN A 229 -17.37 -3.31 -7.24
N VAL A 230 -16.80 -4.34 -6.63
CA VAL A 230 -17.60 -5.32 -5.90
C VAL A 230 -17.90 -4.81 -4.48
N SER A 231 -18.99 -5.26 -3.88
CA SER A 231 -19.37 -4.74 -2.56
C SER A 231 -18.59 -5.36 -1.40
N ASN A 232 -17.73 -6.32 -1.71
CA ASN A 232 -16.96 -7.05 -0.70
C ASN A 232 -15.65 -6.34 -0.33
N GLN A 233 -15.49 -5.89 0.92
CA GLN A 233 -14.34 -5.02 1.19
C GLN A 233 -13.02 -5.81 1.14
N GLU A 234 -13.04 -7.10 1.41
CA GLU A 234 -11.80 -7.89 1.32
C GLU A 234 -11.36 -8.06 -0.15
N ILE A 235 -12.30 -8.31 -1.06
CA ILE A 235 -11.94 -8.29 -2.48
C ILE A 235 -11.33 -6.93 -2.83
N GLN A 236 -11.97 -5.84 -2.40
CA GLN A 236 -11.44 -4.53 -2.72
C GLN A 236 -10.04 -4.34 -2.15
N THR A 237 -9.84 -4.81 -0.93
CA THR A 237 -8.55 -4.64 -0.28
C THR A 237 -7.43 -5.40 -1.01
N TYR A 238 -7.71 -6.63 -1.44
CA TYR A 238 -6.69 -7.40 -2.16
C TYR A 238 -6.46 -6.86 -3.55
N ALA A 239 -7.50 -6.28 -4.15
CA ALA A 239 -7.33 -5.65 -5.45
C ALA A 239 -6.36 -4.46 -5.34
N ILE A 240 -6.59 -3.56 -4.38
CA ILE A 240 -5.67 -2.46 -4.21
C ILE A 240 -4.30 -2.97 -3.78
N ALA A 241 -4.26 -4.03 -2.97
CA ALA A 241 -2.95 -4.58 -2.58
C ALA A 241 -2.17 -5.08 -3.80
N LEU A 242 -2.85 -5.72 -4.74
CA LEU A 242 -2.18 -6.20 -5.93
C LEU A 242 -1.69 -5.04 -6.78
N ILE A 243 -2.53 -4.01 -6.91
CA ILE A 243 -2.11 -2.79 -7.60
C ILE A 243 -0.86 -2.19 -6.95
N ASN A 244 -0.89 -2.04 -5.63
CA ASN A 244 0.27 -1.54 -4.88
C ASN A 244 1.48 -2.42 -5.10
N ALA A 245 1.29 -3.74 -5.08
CA ALA A 245 2.43 -4.62 -5.32
C ALA A 245 3.05 -4.41 -6.70
N LEU A 246 2.23 -4.24 -7.72
CA LEU A 246 2.73 -4.01 -9.07
C LEU A 246 3.51 -2.70 -9.13
N PHE A 247 3.01 -1.67 -8.47
CA PHE A 247 3.75 -0.40 -8.42
C PHE A 247 5.07 -0.55 -7.67
N LEU A 248 5.06 -1.26 -6.56
CA LEU A 248 6.27 -1.43 -5.76
C LEU A 248 7.37 -2.14 -6.53
N LYS A 249 6.95 -3.09 -7.35
CA LYS A 249 7.91 -3.93 -8.02
C LYS A 249 8.27 -3.46 -9.42
N ALA A 250 7.45 -2.59 -10.00
CA ALA A 250 7.73 -2.09 -11.34
C ALA A 250 9.09 -1.42 -11.37
N PRO A 251 9.84 -1.68 -12.45
CA PRO A 251 11.10 -0.96 -12.64
C PRO A 251 10.85 0.53 -12.57
N GLU A 252 11.84 1.24 -12.07
CA GLU A 252 11.76 2.68 -11.98
C GLU A 252 11.27 3.27 -13.32
N ASP A 253 11.79 2.74 -14.43
CA ASP A 253 11.46 3.28 -15.77
C ASP A 253 10.11 2.84 -16.36
N LYS A 254 9.29 2.12 -15.60
CA LYS A 254 7.97 1.66 -16.06
C LYS A 254 6.82 2.11 -15.16
N ARG A 255 7.16 2.61 -13.98
CA ARG A 255 6.15 2.92 -12.96
C ARG A 255 5.24 4.09 -13.39
N GLN A 256 5.82 5.11 -14.03
CA GLN A 256 5.02 6.23 -14.50
C GLN A 256 4.00 5.81 -15.56
N ASP A 257 4.42 4.97 -16.50
CA ASP A 257 3.51 4.51 -17.54
C ASP A 257 2.34 3.76 -16.92
N MET A 258 2.64 2.94 -15.92
CA MET A 258 1.61 2.17 -15.23
C MET A 258 0.61 3.09 -14.52
N ALA A 259 1.11 4.16 -13.88
CA ALA A 259 0.23 5.12 -13.24
C ALA A 259 -0.69 5.80 -14.23
N ASN A 260 -0.16 6.17 -15.39
CA ASN A 260 -0.98 6.80 -16.41
C ASN A 260 -2.07 5.85 -16.90
N ALA A 261 -1.70 4.58 -17.06
CA ALA A 261 -2.64 3.59 -17.53
C ALA A 261 -3.78 3.36 -16.52
N PHE A 262 -3.45 3.27 -15.24
CA PHE A 262 -4.50 3.15 -14.23
C PHE A 262 -5.37 4.42 -14.19
N ALA A 263 -4.74 5.59 -14.34
CA ALA A 263 -5.47 6.85 -14.27
C ALA A 263 -6.47 7.00 -15.41
N GLN A 264 -6.08 6.54 -16.60
CA GLN A 264 -6.92 6.60 -17.80
C GLN A 264 -8.16 5.72 -17.66
N LYS A 265 -8.08 4.71 -16.79
CA LYS A 265 -9.23 3.82 -16.56
C LYS A 265 -9.90 4.13 -15.24
N HIS A 266 -9.61 5.33 -14.72
CA HIS A 266 -10.33 5.94 -13.60
C HIS A 266 -10.14 5.25 -12.26
N LEU A 267 -8.93 4.75 -12.00
CA LEU A 267 -8.65 4.13 -10.71
C LEU A 267 -9.06 5.05 -9.55
N ARG A 268 -8.66 6.31 -9.65
CA ARG A 268 -8.92 7.24 -8.57
C ARG A 268 -10.42 7.42 -8.24
N SER A 269 -11.23 7.71 -9.26
CA SER A 269 -12.65 7.95 -8.98
C SER A 269 -13.37 6.68 -8.58
N ILE A 270 -12.92 5.54 -9.08
CA ILE A 270 -13.50 4.26 -8.68
C ILE A 270 -13.20 4.01 -7.20
N ILE A 271 -11.97 4.29 -6.75
CA ILE A 271 -11.67 4.19 -5.31
C ILE A 271 -12.53 5.19 -4.53
N LEU A 272 -12.63 6.42 -5.04
CA LEU A 272 -13.43 7.42 -4.34
C LEU A 272 -14.87 6.94 -4.17
N ASN A 273 -15.49 6.45 -5.25
CA ASN A 273 -16.91 6.14 -5.20
C ASN A 273 -17.23 4.79 -4.56
N HIS A 274 -16.30 3.85 -4.64
CA HIS A 274 -16.60 2.49 -4.21
C HIS A 274 -15.95 2.12 -2.90
N VAL A 275 -14.93 2.86 -2.51
CA VAL A 275 -14.23 2.55 -1.26
C VAL A 275 -14.42 3.71 -0.27
N ILE A 276 -13.86 4.87 -0.59
CA ILE A 276 -13.87 6.00 0.33
C ILE A 276 -15.30 6.42 0.68
N ARG A 277 -16.15 6.53 -0.33
CA ARG A 277 -17.55 6.89 -0.05
C ARG A 277 -18.50 5.71 -0.05
N GLY A 278 -17.94 4.50 -0.03
CA GLY A 278 -18.74 3.29 -0.02
C GLY A 278 -19.55 3.12 1.26
N ASN A 279 -20.51 2.22 1.20
CA ASN A 279 -21.38 1.95 2.34
C ASN A 279 -20.63 1.37 3.53
N ARG A 280 -19.73 0.42 3.27
CA ARG A 280 -19.00 -0.21 4.36
C ARG A 280 -17.88 0.66 4.88
N PRO A 281 -17.85 0.92 6.20
CA PRO A 281 -16.75 1.69 6.76
C PRO A 281 -15.40 1.05 6.47
N ILE A 282 -14.42 1.90 6.21
CA ILE A 282 -13.08 1.43 5.90
C ILE A 282 -12.43 0.89 7.16
N LYS A 283 -12.06 -0.39 7.11
CA LYS A 283 -11.38 -1.05 8.23
C LYS A 283 -9.87 -0.93 8.07
N THR A 284 -9.12 -1.33 9.10
CA THR A 284 -7.70 -1.01 9.16
C THR A 284 -6.88 -1.46 7.96
N GLU A 285 -7.13 -2.66 7.43
CA GLU A 285 -6.23 -3.15 6.39
C GLU A 285 -6.51 -2.44 5.06
N MET A 286 -7.75 -2.09 4.80
CA MET A 286 -8.03 -1.24 3.62
C MET A 286 -7.41 0.15 3.81
N ALA A 287 -7.57 0.75 4.99
CA ALA A 287 -6.91 2.04 5.23
C ALA A 287 -5.41 1.96 4.96
N HIS A 288 -4.78 0.87 5.40
CA HIS A 288 -3.36 0.72 5.17
C HIS A 288 -3.01 0.70 3.67
N GLN A 289 -3.83 0.00 2.87
CA GLN A 289 -3.60 -0.05 1.44
C GLN A 289 -3.81 1.31 0.79
N LEU A 290 -4.76 2.10 1.30
CA LEU A 290 -4.95 3.45 0.74
C LEU A 290 -3.76 4.35 1.09
N TYR A 291 -3.22 4.20 2.30
CA TYR A 291 -1.98 4.86 2.69
C TYR A 291 -0.85 4.45 1.75
N VAL A 292 -0.67 3.15 1.50
CA VAL A 292 0.44 2.75 0.64
C VAL A 292 0.24 3.33 -0.77
N LEU A 293 -0.98 3.30 -1.28
CA LEU A 293 -1.26 3.79 -2.62
C LEU A 293 -0.92 5.29 -2.69
N GLN A 294 -1.30 6.02 -1.67
CA GLN A 294 -0.99 7.46 -1.68
C GLN A 294 0.52 7.72 -1.59
N VAL A 295 1.22 6.95 -0.76
CA VAL A 295 2.69 7.09 -0.70
C VAL A 295 3.31 6.83 -2.06
N LEU A 296 2.92 5.74 -2.72
CA LEU A 296 3.48 5.39 -4.02
C LEU A 296 3.15 6.45 -5.06
N THR A 297 1.95 7.03 -4.93
CA THR A 297 1.50 8.05 -5.88
C THR A 297 2.31 9.33 -5.71
N PHE A 298 2.51 9.78 -4.47
CA PHE A 298 3.35 10.97 -4.25
C PHE A 298 4.78 10.71 -4.66
N ASN A 299 5.25 9.46 -4.54
CA ASN A 299 6.63 9.19 -4.94
C ASN A 299 6.87 9.26 -6.44
N LEU A 300 5.81 9.28 -7.24
CA LEU A 300 5.94 9.50 -8.68
C LEU A 300 6.50 10.90 -8.97
N LEU A 301 6.44 11.77 -7.98
CA LEU A 301 6.91 13.17 -8.14
C LEU A 301 8.38 13.31 -7.78
N GLU A 302 8.95 12.25 -7.22
CA GLU A 302 10.27 12.39 -6.61
C GLU A 302 11.38 12.62 -7.62
N GLU A 303 11.31 11.94 -8.77
CA GLU A 303 12.35 12.13 -9.77
C GLU A 303 12.43 13.59 -10.23
N ARG A 304 11.28 14.18 -10.56
CA ARG A 304 11.28 15.58 -11.03
C ARG A 304 11.73 16.52 -9.92
N MET A 305 11.33 16.21 -8.69
CA MET A 305 11.71 16.99 -7.52
C MET A 305 13.23 17.07 -7.37
N MET A 306 13.90 15.97 -7.74
CA MET A 306 15.35 15.93 -7.62
C MET A 306 16.07 16.13 -8.97
N THR A 307 15.36 16.56 -10.00
CA THR A 307 15.98 16.89 -11.28
C THR A 307 16.33 18.38 -11.35
N LYS A 308 17.61 18.68 -11.53
CA LYS A 308 18.03 20.07 -11.71
C LYS A 308 17.76 20.53 -13.14
N MET A 309 17.36 21.78 -13.30
CA MET A 309 17.30 22.35 -14.63
C MET A 309 18.73 22.40 -15.18
N ASP A 310 18.85 22.21 -16.48
CA ASP A 310 20.11 22.47 -17.15
C ASP A 310 20.01 23.87 -17.71
N PRO A 311 20.67 24.82 -17.04
CA PRO A 311 20.52 26.23 -17.45
C PRO A 311 21.11 26.52 -18.84
N ASN A 312 21.89 25.60 -19.40
CA ASN A 312 22.42 25.81 -20.72
C ASN A 312 21.55 25.19 -21.82
N ASP A 313 20.45 24.55 -21.41
CA ASP A 313 19.49 23.94 -22.34
C ASP A 313 18.48 25.01 -22.78
N GLN A 314 18.56 25.41 -24.05
CA GLN A 314 17.71 26.51 -24.53
C GLN A 314 16.22 26.17 -24.44
N ALA A 315 15.87 24.90 -24.65
CA ALA A 315 14.47 24.49 -24.55
C ALA A 315 13.92 24.71 -23.14
N GLN A 316 14.75 24.46 -22.14
CA GLN A 316 14.29 24.66 -20.77
C GLN A 316 14.24 26.15 -20.42
N ARG A 317 15.21 26.94 -20.92
CA ARG A 317 15.17 28.38 -20.70
C ARG A 317 13.91 28.96 -21.34
N ASP A 318 13.53 28.41 -22.50
CA ASP A 318 12.38 28.90 -23.23
C ASP A 318 11.05 28.65 -22.46
N ILE A 319 11.01 27.65 -21.59
CA ILE A 319 9.82 27.47 -20.75
C ILE A 319 9.63 28.64 -19.80
N ILE A 320 10.72 29.12 -19.23
CA ILE A 320 10.63 30.26 -18.32
C ILE A 320 10.25 31.51 -19.09
N PHE A 321 10.82 31.68 -20.28
CA PHE A 321 10.44 32.79 -21.17
C PHE A 321 8.92 32.77 -21.42
N GLU A 322 8.39 31.58 -21.70
CA GLU A 322 6.96 31.41 -21.96
C GLU A 322 6.13 31.80 -20.77
N LEU A 323 6.56 31.36 -19.59
CA LEU A 323 5.92 31.68 -18.33
C LEU A 323 5.82 33.19 -18.18
N ARG A 324 6.92 33.87 -18.45
CA ARG A 324 6.95 35.29 -18.27
C ARG A 324 6.05 35.97 -19.30
N ARG A 325 6.04 35.46 -20.53
CA ARG A 325 5.24 36.04 -21.60
C ARG A 325 3.74 36.01 -21.29
N ILE A 326 3.28 34.86 -20.82
CA ILE A 326 1.86 34.71 -20.48
C ILE A 326 1.37 35.81 -19.55
N ALA A 327 2.16 36.15 -18.54
CA ALA A 327 1.80 37.18 -17.58
C ALA A 327 2.04 38.59 -18.10
N PHE A 328 3.26 38.86 -18.54
CA PHE A 328 3.64 40.23 -18.85
C PHE A 328 2.83 40.76 -20.04
N ASP A 329 2.52 39.90 -21.01
CA ASP A 329 1.75 40.33 -22.17
C ASP A 329 0.25 40.53 -21.90
N ALA A 330 -0.20 40.16 -20.70
CA ALA A 330 -1.57 40.44 -20.27
C ALA A 330 -1.68 41.88 -19.75
N GLU A 331 -0.54 42.55 -19.57
CA GLU A 331 -0.51 43.93 -19.09
C GLU A 331 -0.56 44.90 -20.26
N THR A 342 1.26 49.66 -21.65
CA THR A 342 2.31 49.28 -22.58
C THR A 342 3.66 49.84 -22.14
N GLU A 343 3.66 51.04 -21.58
CA GLU A 343 4.85 51.58 -20.94
C GLU A 343 5.17 50.73 -19.71
N LYS A 344 4.10 50.27 -19.05
CA LYS A 344 4.22 49.42 -17.87
C LYS A 344 4.84 48.07 -18.27
N ARG A 345 4.38 47.52 -19.40
CA ARG A 345 4.88 46.23 -19.86
C ARG A 345 6.37 46.34 -20.17
N LYS A 346 6.77 47.42 -20.85
CA LYS A 346 8.16 47.65 -21.22
C LYS A 346 9.05 47.71 -20.00
N ALA A 347 8.58 48.43 -18.99
CA ALA A 347 9.30 48.56 -17.72
C ALA A 347 9.53 47.20 -17.07
N MET A 348 8.54 46.32 -17.13
CA MET A 348 8.69 44.98 -16.56
C MET A 348 9.78 44.20 -17.27
N TYR A 349 9.72 44.19 -18.60
CA TYR A 349 10.68 43.39 -19.36
C TYR A 349 12.11 43.93 -19.23
N THR A 350 12.27 45.23 -18.96
CA THR A 350 13.64 45.77 -18.84
C THR A 350 14.36 45.20 -17.63
N LYS A 351 13.58 44.65 -16.69
CA LYS A 351 14.15 44.12 -15.45
C LYS A 351 14.31 42.61 -15.56
N ASP A 352 14.24 42.12 -16.80
CA ASP A 352 14.48 40.69 -17.07
C ASP A 352 13.44 39.84 -16.36
N TYR A 353 13.86 39.04 -15.39
CA TYR A 353 12.89 38.22 -14.67
C TYR A 353 12.63 38.69 -13.24
N LYS A 354 13.10 39.89 -12.93
CA LYS A 354 12.98 40.38 -11.55
C LYS A 354 11.52 40.51 -11.15
N MET A 355 10.69 41.00 -12.07
CA MET A 355 9.30 41.27 -11.75
C MET A 355 8.43 40.02 -11.94
N LEU A 356 9.07 38.89 -12.26
CA LEU A 356 8.41 37.59 -12.14
C LEU A 356 8.85 36.94 -10.84
N GLY A 357 9.68 37.65 -10.10
CA GLY A 357 9.99 37.26 -8.73
C GLY A 357 11.10 36.24 -8.55
N PHE A 358 11.95 36.04 -9.55
CA PHE A 358 13.06 35.10 -9.39
C PHE A 358 14.20 35.80 -8.71
N THR A 359 14.93 35.05 -7.89
CA THR A 359 16.09 35.63 -7.21
C THR A 359 17.20 35.94 -8.20
N ASN A 360 17.44 35.00 -9.11
CA ASN A 360 18.38 35.25 -10.20
C ASN A 360 17.66 35.95 -11.35
N HIS A 361 17.72 37.28 -11.33
CA HIS A 361 16.99 38.14 -12.27
C HIS A 361 17.30 37.85 -13.72
N ILE A 362 18.57 37.66 -14.03
CA ILE A 362 18.97 37.53 -15.42
C ILE A 362 19.00 36.10 -15.89
N ASN A 363 19.20 35.17 -14.97
CA ASN A 363 19.31 33.78 -15.35
C ASN A 363 18.47 32.90 -14.42
N PRO A 364 17.14 33.02 -14.52
CA PRO A 364 16.27 32.32 -13.56
C PRO A 364 16.41 30.81 -13.61
N ALA A 365 16.91 30.28 -14.72
CA ALA A 365 17.15 28.84 -14.83
C ALA A 365 18.01 28.35 -13.65
N MET A 366 18.94 29.19 -13.21
CA MET A 366 19.79 28.84 -12.07
C MET A 366 18.96 28.54 -10.82
N ASP A 367 17.82 29.19 -10.66
CA ASP A 367 17.03 28.96 -9.46
C ASP A 367 16.41 27.56 -9.44
N PHE A 368 16.30 26.93 -10.61
CA PHE A 368 15.74 25.61 -10.71
C PHE A 368 16.81 24.53 -10.61
N THR A 369 18.03 24.90 -10.20
CA THR A 369 19.05 23.88 -9.95
C THR A 369 19.03 23.52 -8.47
N GLN A 370 18.22 24.21 -7.67
CA GLN A 370 17.97 23.79 -6.28
C GLN A 370 17.08 22.55 -6.24
N THR A 371 17.61 21.47 -5.67
CA THR A 371 16.86 20.21 -5.55
C THR A 371 16.90 19.70 -4.12
N PRO A 372 15.73 19.47 -3.52
CA PRO A 372 14.39 19.79 -4.04
C PRO A 372 14.20 21.30 -4.16
N PRO A 373 13.24 21.76 -4.97
CA PRO A 373 12.23 21.03 -5.74
C PRO A 373 12.55 20.87 -7.23
N GLY A 374 13.68 21.39 -7.68
CA GLY A 374 14.09 21.29 -9.07
C GLY A 374 13.00 21.53 -10.10
N MET A 375 12.92 20.63 -11.07
CA MET A 375 12.00 20.83 -12.18
C MET A 375 10.54 20.67 -11.81
N LEU A 376 10.26 20.05 -10.67
CA LEU A 376 8.88 19.91 -10.21
C LEU A 376 8.27 21.29 -9.99
N ALA A 377 9.08 22.21 -9.50
CA ALA A 377 8.60 23.57 -9.30
C ALA A 377 8.23 24.19 -10.64
N LEU A 378 9.07 23.94 -11.66
CA LEU A 378 8.78 24.47 -12.97
C LEU A 378 7.46 23.86 -13.49
N ASP A 379 7.30 22.56 -13.32
CA ASP A 379 6.07 21.87 -13.75
C ASP A 379 4.83 22.49 -13.10
N ASN A 380 4.93 22.78 -11.80
CA ASN A 380 3.83 23.40 -11.06
C ASN A 380 3.50 24.79 -11.60
N MET A 381 4.53 25.58 -11.89
CA MET A 381 4.31 26.93 -12.42
C MET A 381 3.65 26.87 -13.79
N LEU A 382 4.11 25.95 -14.63
CA LEU A 382 3.57 25.86 -15.98
C LEU A 382 2.12 25.39 -15.93
N TYR A 383 1.82 24.47 -15.01
CA TYR A 383 0.45 24.01 -14.79
C TYR A 383 -0.44 25.15 -14.40
N LEU A 384 0.00 25.93 -13.42
CA LEU A 384 -0.81 27.06 -12.99
C LEU A 384 -1.05 28.02 -14.16
N ALA A 385 0.00 28.28 -14.95
CA ALA A 385 -0.14 29.26 -16.00
C ALA A 385 -0.99 28.79 -17.19
N LYS A 386 -1.03 27.48 -17.43
CA LYS A 386 -1.76 26.97 -18.58
C LYS A 386 -3.18 26.54 -18.23
N VAL A 387 -3.34 26.01 -17.02
CA VAL A 387 -4.63 25.46 -16.57
C VAL A 387 -5.44 26.51 -15.80
N HIS A 388 -4.73 27.40 -15.11
CA HIS A 388 -5.38 28.47 -14.36
C HIS A 388 -4.79 29.82 -14.70
N GLN A 389 -4.82 30.15 -16.00
CA GLN A 389 -4.21 31.37 -16.49
C GLN A 389 -4.66 32.63 -15.76
N ASP A 390 -5.96 32.79 -15.49
CA ASP A 390 -6.42 33.99 -14.81
C ASP A 390 -5.78 34.18 -13.43
N THR A 391 -5.70 33.10 -12.65
CA THR A 391 -5.08 33.15 -11.34
C THR A 391 -3.59 33.49 -11.45
N TYR A 392 -2.92 32.81 -12.38
CA TYR A 392 -1.51 33.09 -12.64
C TYR A 392 -1.30 34.59 -12.98
N ILE A 393 -2.05 35.09 -13.96
CA ILE A 393 -1.90 36.50 -14.37
C ILE A 393 -2.17 37.45 -13.21
N ARG A 394 -3.22 37.17 -12.44
CA ARG A 394 -3.55 38.04 -11.31
C ARG A 394 -2.40 38.14 -10.32
N ILE A 395 -1.83 36.99 -9.97
CA ILE A 395 -0.78 36.94 -8.97
C ILE A 395 0.45 37.66 -9.46
N VAL A 396 0.82 37.41 -10.71
CA VAL A 396 2.04 38.04 -11.23
C VAL A 396 1.83 39.55 -11.39
N LEU A 397 0.70 39.98 -11.97
CA LEU A 397 0.56 41.40 -12.28
C LEU A 397 0.32 42.26 -11.04
N GLU A 398 -0.30 41.71 -10.00
CA GLU A 398 -0.41 42.45 -8.74
C GLU A 398 0.96 42.71 -8.10
N ASN A 399 1.99 42.04 -8.60
CA ASN A 399 3.33 42.09 -7.99
C ASN A 399 4.49 42.42 -8.95
N SER A 400 4.18 42.80 -10.17
CA SER A 400 5.20 42.99 -11.21
C SER A 400 5.53 44.45 -11.49
N SER A 401 4.70 45.35 -10.98
CA SER A 401 4.91 46.78 -11.11
C SER A 401 5.16 47.37 -9.74
N ARG A 402 5.17 46.50 -8.74
CA ARG A 402 5.36 46.89 -7.36
C ARG A 402 6.83 47.14 -7.06
N GLU A 403 7.22 48.40 -7.05
CA GLU A 403 8.60 48.74 -6.73
C GLU A 403 8.74 49.35 -5.33
N ASP A 404 7.67 49.25 -4.54
CA ASP A 404 7.83 49.34 -3.09
C ASP A 404 8.29 47.94 -2.71
N LYS A 405 8.88 47.80 -1.53
CA LYS A 405 9.44 46.52 -1.14
C LYS A 405 8.37 45.48 -0.79
N HIS A 406 7.13 45.69 -1.19
CA HIS A 406 6.04 44.84 -0.71
C HIS A 406 5.53 43.78 -1.69
N GLU A 407 6.16 43.68 -2.87
CA GLU A 407 5.70 42.68 -3.82
C GLU A 407 5.96 41.29 -3.23
N CYS A 408 5.10 40.35 -3.60
CA CYS A 408 5.30 38.94 -3.30
C CYS A 408 5.99 38.33 -4.52
N PRO A 409 7.20 37.79 -4.35
CA PRO A 409 7.97 37.37 -5.54
C PRO A 409 7.52 36.00 -6.03
N PHE A 410 6.93 35.96 -7.22
CA PHE A 410 6.28 34.74 -7.66
C PHE A 410 7.28 33.59 -7.82
N GLY A 411 8.34 33.81 -8.57
CA GLY A 411 9.27 32.73 -8.87
C GLY A 411 9.84 32.11 -7.60
N ARG A 412 10.37 32.96 -6.74
CA ARG A 412 10.96 32.50 -5.47
C ARG A 412 9.92 31.81 -4.61
N SER A 413 8.72 32.39 -4.54
CA SER A 413 7.64 31.80 -3.74
C SER A 413 7.22 30.45 -4.25
N ALA A 414 7.13 30.32 -5.58
CA ALA A 414 6.63 29.08 -6.14
C ALA A 414 7.61 27.93 -5.94
N ILE A 415 8.89 28.24 -6.02
CA ILE A 415 9.93 27.25 -5.82
C ILE A 415 9.91 26.81 -4.37
N GLU A 416 9.89 27.77 -3.45
CA GLU A 416 9.87 27.41 -2.02
C GLU A 416 8.57 26.70 -1.61
N LEU A 417 7.44 27.12 -2.16
CA LEU A 417 6.17 26.45 -1.89
C LEU A 417 6.21 25.01 -2.39
N THR A 418 6.79 24.81 -3.57
CA THR A 418 6.80 23.46 -4.12
C THR A 418 7.64 22.58 -3.18
N LYS A 419 8.77 23.12 -2.74
CA LYS A 419 9.61 22.42 -1.76
C LYS A 419 8.84 22.12 -0.47
N MET A 420 8.11 23.12 0.02
CA MET A 420 7.33 22.96 1.24
C MET A 420 6.26 21.86 1.11
N LEU A 421 5.56 21.85 -0.01
CA LEU A 421 4.49 20.86 -0.26
C LEU A 421 5.11 19.48 -0.33
N CYS A 422 6.27 19.39 -0.95
CA CYS A 422 6.98 18.10 -1.01
C CYS A 422 7.33 17.61 0.39
N GLU A 423 7.75 18.53 1.26
CA GLU A 423 8.05 18.19 2.65
C GLU A 423 6.79 17.78 3.39
N ILE A 424 5.75 18.61 3.30
CA ILE A 424 4.49 18.32 3.99
C ILE A 424 3.89 16.99 3.58
N LEU A 425 3.89 16.71 2.29
CA LEU A 425 3.26 15.50 1.78
C LEU A 425 4.22 14.30 1.76
N GLN A 426 5.47 14.55 2.15
CA GLN A 426 6.50 13.52 2.31
C GLN A 426 6.85 12.78 1.00
N VAL A 427 6.91 13.54 -0.10
CA VAL A 427 7.42 13.02 -1.36
C VAL A 427 8.82 12.47 -1.14
N GLY A 428 9.00 11.21 -1.54
CA GLY A 428 10.27 10.54 -1.35
C GLY A 428 10.28 9.55 -0.21
N GLU A 429 9.34 9.68 0.74
CA GLU A 429 9.29 8.76 1.88
C GLU A 429 8.85 7.39 1.40
N LEU A 430 9.44 6.36 1.99
CA LEU A 430 9.03 4.99 1.70
C LEU A 430 7.78 4.63 2.47
N PRO A 431 6.96 3.72 1.94
CA PRO A 431 5.84 3.22 2.73
C PRO A 431 6.35 2.35 3.88
N ASN A 432 5.67 2.38 5.01
CA ASN A 432 6.09 1.50 6.10
C ASN A 432 4.90 0.82 6.76
N GLU A 433 5.20 -0.11 7.66
CA GLU A 433 4.17 -0.96 8.20
C GLU A 433 3.28 -0.23 9.20
N GLY A 434 3.78 0.85 9.80
CA GLY A 434 3.13 1.44 10.97
C GLY A 434 2.09 2.50 10.69
N ARG A 435 1.94 2.91 9.43
CA ARG A 435 1.02 3.99 9.12
C ARG A 435 -0.20 3.54 8.32
N ASN A 436 -1.34 4.18 8.56
CA ASN A 436 -2.59 3.92 7.85
C ASN A 436 -3.29 5.21 7.44
N ASP A 437 -2.54 6.32 7.44
CA ASP A 437 -3.13 7.64 7.23
C ASP A 437 -3.10 8.02 5.76
N TYR A 438 -4.11 8.78 5.34
CA TYR A 438 -4.07 9.35 3.99
C TYR A 438 -4.93 10.60 3.98
N HIS A 439 -4.66 11.44 3.00
CA HIS A 439 -5.45 12.65 2.74
C HIS A 439 -6.52 12.32 1.70
N PRO A 440 -7.78 12.23 2.14
CA PRO A 440 -8.82 11.83 1.18
C PRO A 440 -9.01 12.81 0.01
N MET A 441 -8.70 14.11 0.17
CA MET A 441 -8.98 15.00 -0.95
C MET A 441 -8.12 14.69 -2.19
N PHE A 442 -7.00 13.98 -2.04
CA PHE A 442 -6.19 13.68 -3.22
C PHE A 442 -6.87 12.62 -4.08
N PHE A 443 -7.88 11.96 -3.54
CA PHE A 443 -8.66 11.01 -4.32
C PHE A 443 -9.77 11.68 -5.13
N THR A 444 -9.79 13.01 -5.12
CA THR A 444 -10.91 13.73 -5.75
C THR A 444 -10.51 14.52 -6.99
N HIS A 445 -9.24 14.46 -7.36
CA HIS A 445 -8.78 15.16 -8.56
C HIS A 445 -7.58 14.45 -9.19
N ASP A 446 -7.60 14.31 -10.52
CA ASP A 446 -6.52 13.67 -11.29
C ASP A 446 -5.18 14.36 -11.13
N ARG A 447 -5.21 15.67 -10.91
CA ARG A 447 -3.99 16.46 -10.74
C ARG A 447 -4.01 17.17 -9.39
N ALA A 448 -4.35 16.43 -8.33
CA ALA A 448 -4.54 17.05 -7.04
C ALA A 448 -3.30 17.77 -6.53
N PHE A 449 -2.10 17.23 -6.78
CA PHE A 449 -0.89 17.90 -6.31
C PHE A 449 -0.74 19.28 -6.95
N GLU A 450 -0.92 19.34 -8.27
CA GLU A 450 -0.80 20.59 -8.98
C GLU A 450 -1.92 21.56 -8.60
N GLU A 451 -3.12 21.02 -8.36
CA GLU A 451 -4.24 21.85 -7.92
C GLU A 451 -3.95 22.42 -6.54
N LEU A 452 -3.37 21.59 -5.69
CA LEU A 452 -2.98 22.03 -4.35
C LEU A 452 -1.96 23.16 -4.43
N PHE A 453 -0.96 22.98 -5.28
CA PHE A 453 -0.01 24.06 -5.52
C PHE A 453 -0.72 25.39 -5.84
N GLY A 454 -1.66 25.37 -6.80
CA GLY A 454 -2.38 26.60 -7.15
C GLY A 454 -3.14 27.23 -5.99
N ILE A 455 -3.80 26.40 -5.19
CA ILE A 455 -4.53 26.86 -4.04
C ILE A 455 -3.54 27.50 -3.06
N CYS A 456 -2.41 26.84 -2.86
CA CYS A 456 -1.46 27.28 -1.85
C CYS A 456 -0.68 28.51 -2.31
N ILE A 457 -0.53 28.71 -3.62
CA ILE A 457 0.16 29.93 -4.05
C ILE A 457 -0.81 31.12 -3.91
N GLN A 458 -2.12 30.89 -4.09
CA GLN A 458 -3.09 31.94 -3.76
C GLN A 458 -3.09 32.24 -2.27
N LEU A 459 -3.06 31.19 -1.45
CA LEU A 459 -2.95 31.38 0.00
C LEU A 459 -1.70 32.20 0.36
N LEU A 460 -0.57 31.84 -0.23
CA LEU A 460 0.69 32.49 0.09
C LEU A 460 0.58 33.99 -0.23
N ASN A 461 -0.02 34.30 -1.37
CA ASN A 461 -0.17 35.71 -1.72
C ASN A 461 -1.13 36.44 -0.78
N LYS A 462 -2.21 35.78 -0.37
CA LYS A 462 -3.16 36.35 0.58
C LYS A 462 -2.47 36.63 1.92
N THR A 463 -1.74 35.63 2.42
CA THR A 463 -1.02 35.78 3.69
C THR A 463 0.04 36.89 3.57
N TRP A 464 0.72 36.93 2.45
CA TRP A 464 1.76 37.93 2.22
C TRP A 464 1.15 39.32 2.40
N LYS A 465 0.01 39.56 1.76
CA LYS A 465 -0.67 40.86 1.83
C LYS A 465 -1.21 41.14 3.22
N GLU A 466 -1.73 40.11 3.89
CA GLU A 466 -2.25 40.28 5.25
C GLU A 466 -1.15 40.69 6.22
N MET A 467 0.08 40.31 5.91
CA MET A 467 1.24 40.65 6.74
C MET A 467 1.95 41.92 6.30
N ARG A 468 1.43 42.58 5.27
CA ARG A 468 2.12 43.69 4.62
C ARG A 468 3.59 43.34 4.44
N ALA A 469 3.85 42.13 3.96
CA ALA A 469 5.21 41.61 3.99
C ALA A 469 6.14 42.28 2.99
N THR A 470 7.43 42.30 3.33
CA THR A 470 8.47 42.69 2.41
C THR A 470 9.36 41.50 2.12
N ALA A 471 10.32 41.69 1.22
CA ALA A 471 11.24 40.61 0.89
C ALA A 471 11.94 40.07 2.12
N GLU A 472 12.29 40.92 3.10
CA GLU A 472 13.00 40.45 4.28
C GLU A 472 12.15 39.50 5.11
N ASP A 473 10.82 39.60 4.95
CA ASP A 473 9.87 38.74 5.65
C ASP A 473 9.66 37.40 4.99
N PHE A 474 10.37 37.11 3.89
CA PHE A 474 10.05 35.93 3.10
C PHE A 474 9.93 34.65 3.91
N ASN A 475 10.93 34.36 4.75
CA ASN A 475 10.89 33.12 5.50
C ASN A 475 9.79 33.10 6.58
N LYS A 476 9.51 34.26 7.18
CA LYS A 476 8.39 34.37 8.12
C LYS A 476 7.04 34.11 7.46
N VAL A 477 6.85 34.63 6.25
CA VAL A 477 5.59 34.39 5.54
C VAL A 477 5.47 32.91 5.21
N MET A 478 6.56 32.28 4.73
CA MET A 478 6.54 30.86 4.40
C MET A 478 6.16 30.05 5.65
N GLN A 479 6.67 30.48 6.82
CA GLN A 479 6.35 29.77 8.05
C GLN A 479 4.87 29.89 8.40
N VAL A 480 4.30 31.08 8.24
CA VAL A 480 2.86 31.23 8.47
C VAL A 480 2.11 30.32 7.50
N VAL A 481 2.49 30.35 6.23
CA VAL A 481 1.82 29.51 5.24
C VAL A 481 1.96 28.02 5.58
N ARG A 482 3.14 27.62 6.05
CA ARG A 482 3.29 26.22 6.47
C ARG A 482 2.31 25.87 7.60
N GLU A 483 2.19 26.76 8.56
CA GLU A 483 1.26 26.54 9.68
C GLU A 483 -0.18 26.50 9.20
N GLN A 484 -0.54 27.37 8.26
CA GLN A 484 -1.89 27.36 7.71
C GLN A 484 -2.20 26.03 7.05
N ILE A 485 -1.31 25.56 6.17
CA ILE A 485 -1.57 24.33 5.44
C ILE A 485 -1.65 23.14 6.38
N THR A 486 -0.68 23.06 7.29
CA THR A 486 -0.60 21.89 8.15
C THR A 486 -1.62 21.89 9.26
N ARG A 487 -2.24 23.05 9.56
CA ARG A 487 -3.38 23.01 10.47
C ARG A 487 -4.68 22.69 9.74
N ALA A 488 -4.68 22.87 8.42
CA ALA A 488 -5.88 22.57 7.64
C ALA A 488 -6.00 21.08 7.34
N LEU A 489 -4.89 20.42 7.07
CA LEU A 489 -4.97 19.04 6.61
C LEU A 489 -5.55 18.06 7.66
N PRO A 490 -5.28 18.25 8.97
CA PRO A 490 -5.84 17.27 9.92
C PRO A 490 -7.36 17.29 10.04
N SER A 491 -8.02 18.33 9.53
CA SER A 491 -9.48 18.34 9.49
C SER A 491 -9.99 17.38 8.41
N LYS A 492 -9.06 16.78 7.67
CA LYS A 492 -9.37 15.82 6.60
C LYS A 492 -10.42 16.38 5.63
N PRO A 493 -10.13 17.52 5.00
CA PRO A 493 -11.07 18.04 4.00
C PRO A 493 -11.43 17.01 2.94
N ASN A 494 -12.71 16.93 2.58
CA ASN A 494 -13.14 15.90 1.64
C ASN A 494 -12.84 16.25 0.19
N SER A 495 -12.51 17.51 -0.04
CA SER A 495 -12.32 18.01 -1.40
C SER A 495 -11.33 19.16 -1.37
N LEU A 496 -10.83 19.54 -2.54
CA LEU A 496 -9.99 20.72 -2.64
C LEU A 496 -10.77 21.98 -2.24
N ASP A 497 -12.06 22.04 -2.57
CA ASP A 497 -12.86 23.19 -2.18
C ASP A 497 -12.99 23.26 -0.67
N GLN A 498 -13.13 22.12 -0.01
CA GLN A 498 -13.25 22.13 1.45
C GLN A 498 -11.94 22.58 2.10
N PHE A 499 -10.83 22.19 1.48
CA PHE A 499 -9.51 22.60 1.95
C PHE A 499 -9.41 24.12 1.85
N LYS A 500 -9.88 24.68 0.74
CA LYS A 500 -9.88 26.13 0.57
C LYS A 500 -10.70 26.85 1.65
N SER A 501 -11.88 26.31 1.95
CA SER A 501 -12.74 26.87 2.97
C SER A 501 -12.03 26.84 4.32
N LYS A 502 -11.36 25.73 4.60
CA LYS A 502 -10.63 25.59 5.84
C LYS A 502 -9.54 26.64 5.92
N LEU A 503 -8.79 26.85 4.84
CA LEU A 503 -7.74 27.86 4.83
C LEU A 503 -8.29 29.26 5.10
N ARG A 504 -9.49 29.54 4.61
CA ARG A 504 -10.08 30.86 4.88
C ARG A 504 -10.30 31.09 6.37
N SER A 505 -10.51 30.02 7.12
CA SER A 505 -10.69 30.14 8.58
C SER A 505 -9.37 30.24 9.33
N LEU A 506 -8.26 30.22 8.61
CA LEU A 506 -6.91 30.30 9.20
C LEU A 506 -6.13 31.47 8.60
N SER A 507 -6.74 32.67 8.60
CA SER A 507 -6.03 33.84 8.11
C SER A 507 -4.86 34.16 9.03
N TYR A 508 -4.02 35.10 8.59
CA TYR A 508 -2.88 35.52 9.39
C TYR A 508 -3.34 35.92 10.79
N SER A 509 -4.42 36.67 10.88
CA SER A 509 -4.88 37.16 12.21
C SER A 509 -5.27 35.97 13.09
N GLU A 510 -5.86 34.93 12.48
CA GLU A 510 -6.19 33.73 13.24
C GLU A 510 -4.93 32.96 13.66
N ILE A 511 -3.96 32.87 12.75
CA ILE A 511 -2.69 32.25 13.13
C ILE A 511 -2.06 32.99 14.31
N LEU A 512 -2.12 34.31 14.29
CA LEU A 512 -1.60 35.09 15.41
C LEU A 512 -2.28 34.72 16.73
N ARG A 513 -3.60 34.59 16.66
CA ARG A 513 -4.38 34.28 17.85
C ARG A 513 -4.02 32.91 18.38
N LEU A 514 -3.85 31.95 17.48
CA LEU A 514 -3.52 30.57 17.86
C LEU A 514 -2.13 30.55 18.48
N ARG A 515 -1.20 31.30 17.88
CA ARG A 515 0.16 31.38 18.42
C ARG A 515 0.15 31.97 19.83
N GLN A 516 -0.61 33.04 20.01
CA GLN A 516 -0.68 33.68 21.32
C GLN A 516 -1.22 32.69 22.38
N SER A 517 -2.17 31.87 21.98
CA SER A 517 -2.75 30.89 22.89
C SER A 517 -1.75 29.81 23.33
N GLU A 518 -0.72 29.55 22.51
CA GLU A 518 0.34 28.62 22.90
C GLU A 518 1.32 29.24 23.88
N ARG A 519 1.51 30.56 23.76
CA ARG A 519 2.52 31.29 24.52
C ARG A 519 2.07 31.54 25.96
N ARG B 1 18.53 2.98 -13.59
CA ARG B 1 18.71 3.22 -12.17
C ARG B 1 17.96 2.18 -11.33
N LYS B 2 18.41 1.98 -10.11
CA LYS B 2 17.77 1.03 -9.22
C LYS B 2 16.47 1.56 -8.65
N SER B 3 15.62 0.65 -8.25
CA SER B 3 14.36 1.01 -7.67
C SER B 3 14.55 1.46 -6.27
N ARG B 4 13.82 2.47 -5.90
CA ARG B 4 13.94 2.99 -4.58
C ARG B 4 13.32 2.03 -3.57
N TYR B 5 12.56 1.08 -4.04
CA TYR B 5 11.85 0.13 -3.20
C TYR B 5 12.61 -1.19 -3.06
N ALA B 6 13.73 -1.32 -3.73
CA ALA B 6 14.42 -2.61 -3.82
C ALA B 6 14.78 -3.24 -2.46
N GLU B 7 15.04 -2.40 -1.45
CA GLU B 7 15.62 -2.91 -0.22
C GLU B 7 14.62 -3.19 0.91
N LEU B 8 13.33 -3.05 0.66
CA LEU B 8 12.46 -3.19 1.80
C LEU B 8 11.81 -4.57 1.89
N ASP B 9 11.26 -4.82 3.08
CA ASP B 9 10.55 -6.05 3.41
C ASP B 9 9.12 -5.86 2.95
N PHE B 10 8.85 -6.24 1.71
CA PHE B 10 7.59 -5.90 1.08
C PHE B 10 6.41 -6.50 1.81
N GLU B 11 6.49 -7.77 2.20
CA GLU B 11 5.36 -8.35 2.92
C GLU B 11 5.10 -7.64 4.24
N LYS B 12 6.16 -7.23 4.92
CA LYS B 12 5.96 -6.61 6.22
C LYS B 12 5.28 -5.26 6.03
N ILE B 13 5.78 -4.48 5.10
CA ILE B 13 5.20 -3.15 4.89
C ILE B 13 3.77 -3.27 4.39
N MET B 14 3.49 -4.30 3.61
CA MET B 14 2.15 -4.45 3.02
C MET B 14 1.13 -5.12 3.93
N HIS B 15 1.57 -5.65 5.08
CA HIS B 15 0.73 -6.43 6.00
C HIS B 15 0.18 -7.68 5.35
N THR B 16 0.95 -8.27 4.45
CA THR B 16 0.48 -9.41 3.68
C THR B 16 0.09 -10.58 4.59
N ARG B 17 0.95 -10.92 5.54
CA ARG B 17 0.71 -12.06 6.42
C ARG B 17 -0.54 -11.88 7.30
N LYS B 18 -0.67 -10.70 7.88
CA LYS B 18 -1.83 -10.35 8.68
C LYS B 18 -3.12 -10.45 7.90
N ARG B 19 -3.10 -9.94 6.67
CA ARG B 19 -4.30 -10.04 5.86
C ARG B 19 -4.66 -11.51 5.58
N HIS B 20 -3.66 -12.36 5.35
CA HIS B 20 -3.96 -13.79 5.14
C HIS B 20 -4.59 -14.38 6.41
N GLN B 21 -4.00 -14.05 7.55
CA GLN B 21 -4.50 -14.54 8.83
C GLN B 21 -5.94 -14.08 9.05
N ASP B 22 -6.24 -12.84 8.71
CA ASP B 22 -7.61 -12.35 8.81
C ASP B 22 -8.54 -13.15 7.92
N MET B 23 -8.08 -13.43 6.71
CA MET B 23 -8.87 -14.14 5.71
C MET B 23 -9.11 -15.60 6.12
N PHE B 24 -8.11 -16.22 6.74
CA PHE B 24 -8.20 -17.65 7.07
C PHE B 24 -8.74 -17.90 8.47
N GLN B 25 -9.24 -16.84 9.12
CA GLN B 25 -9.86 -16.91 10.45
C GLN B 25 -8.98 -17.57 11.49
#